data_8CI6
#
_entry.id   8CI6
#
_cell.length_a   47.300
_cell.length_b   61.060
_cell.length_c   152.520
_cell.angle_alpha   90.00
_cell.angle_beta   90.00
_cell.angle_gamma   90.00
#
_symmetry.space_group_name_H-M   'P 21 21 21'
#
loop_
_entity.id
_entity.type
_entity.pdbx_description
1 polymer 'ABC transporter substrate binding protein (Agrocinopine)'
2 non-polymer 2-O-phosphono-alpha-D-glucopyranose
3 non-polymer 2-O-phosphono-beta-D-glucopyranose
4 water water
#
_entity_poly.entity_id   1
_entity_poly.type   'polypeptide(L)'
_entity_poly.pdbx_seq_one_letter_code
;SAERRALKIGVNGIPVTLEPINAISNVGPRIVNQIFDTLVVRDFFSNGAPGNGINLMPSLAESWERIDDKSVRFKLRQKV
MFHDGVEMTADDVAYTFSSERLWGPDAIKVIPLGGSYALDFDEPVVEDKYTVVIRTKTPTPLTESYMASWMGRIVPKAYY
KTLGTAAFGNKPVGTGPYKFVEFVANDRVVIEANDAYWGLKPTASKITYQLVAEPATRVAGLISGEYDIVTTLTPDDMAL
INSYPDLETRGNIVENFHMFTFNMNQPVFQSKPLRRALALAVNRPLIVQSLWMNKATIPNGFNFPNYGKTFDPNRRAMEY
NIEEAKRLVKESGYDGTPITYHTMGNYYANAVPALMMMIEMWKQIGVTVVPKVYAPGGAPKDQDSYMRNWSNGQWMTDAW
ATMICEFGPKGQVQKRWGWKAPAEFNDLCTKVSQIPDSKERFDAFNRLRDIFEEEAPAVILYQPFDVYAARKDVHWRPIS
FEMMEFRNNLAFGHHHHHH
;
_entity_poly.pdbx_strand_id   A
#
loop_
_chem_comp.id
_chem_comp.type
_chem_comp.name
_chem_comp.formula
ALX D-saccharide, alpha linking 2-O-phosphono-alpha-D-glucopyranose 'C6 H13 O9 P'
BNX D-saccharide, beta linking 2-O-phosphono-beta-D-glucopyranose 'C6 H13 O9 P'
#
# COMPACT_ATOMS: atom_id res chain seq x y z
N GLU A 3 20.99 25.02 -10.88
CA GLU A 3 20.46 24.79 -9.52
C GLU A 3 19.40 23.67 -9.42
N ARG A 4 18.84 23.16 -10.53
CA ARG A 4 17.87 22.05 -10.48
C ARG A 4 18.39 20.83 -11.25
N ARG A 5 18.69 19.78 -10.55
CA ARG A 5 19.21 18.56 -11.14
C ARG A 5 18.19 17.67 -11.73
N ALA A 6 18.59 16.88 -12.69
CA ALA A 6 17.81 15.79 -13.18
C ALA A 6 18.10 14.56 -12.29
N LEU A 7 17.13 14.08 -11.56
CA LEU A 7 17.33 12.99 -10.62
C LEU A 7 17.16 11.66 -11.28
N LYS A 8 18.04 10.74 -10.96
CA LYS A 8 18.01 9.38 -11.44
C LYS A 8 17.80 8.48 -10.23
N ILE A 9 16.70 7.79 -10.17
CA ILE A 9 16.29 7.00 -9.00
C ILE A 9 16.22 5.53 -9.37
N GLY A 10 17.04 4.72 -8.75
CA GLY A 10 16.99 3.25 -8.97
C GLY A 10 15.99 2.63 -8.05
N VAL A 11 14.96 2.03 -8.60
CA VAL A 11 13.85 1.51 -7.82
C VAL A 11 13.73 0.01 -7.91
N ASN A 12 13.04 -0.55 -6.92
CA ASN A 12 12.75 -1.99 -6.84
C ASN A 12 11.74 -2.46 -7.85
N GLY A 13 10.85 -1.59 -8.30
CA GLY A 13 9.81 -1.95 -9.25
C GLY A 13 9.13 -0.70 -9.78
N ILE A 14 8.31 -0.91 -10.79
CA ILE A 14 7.57 0.11 -11.53
C ILE A 14 6.11 -0.29 -11.47
N PRO A 15 5.19 0.64 -11.24
CA PRO A 15 3.79 0.26 -11.18
C PRO A 15 3.26 -0.17 -12.53
N VAL A 16 2.14 -0.92 -12.51
CA VAL A 16 1.53 -1.38 -13.75
C VAL A 16 0.78 -0.27 -14.49
N THR A 17 0.45 0.82 -13.82
CA THR A 17 -0.29 1.96 -14.35
C THR A 17 0.05 3.16 -13.52
N LEU A 18 -0.29 4.36 -13.98
CA LEU A 18 -0.14 5.59 -13.23
C LEU A 18 -1.48 6.21 -12.89
N GLU A 19 -2.58 5.46 -13.10
CA GLU A 19 -3.88 5.88 -12.54
C GLU A 19 -3.72 5.77 -11.03
N PRO A 20 -4.05 6.77 -10.27
CA PRO A 20 -3.55 6.80 -8.90
C PRO A 20 -4.06 5.71 -7.96
N ILE A 21 -5.28 5.29 -8.09
CA ILE A 21 -5.81 4.21 -7.27
C ILE A 21 -5.28 2.88 -7.74
N ASN A 22 -5.32 2.61 -9.04
CA ASN A 22 -4.81 1.35 -9.57
C ASN A 22 -3.30 1.20 -9.44
N ALA A 23 -2.61 2.29 -9.18
CA ALA A 23 -1.18 2.28 -8.90
C ALA A 23 -0.84 2.03 -7.43
N ILE A 24 -1.82 1.90 -6.53
CA ILE A 24 -1.57 1.62 -5.08
C ILE A 24 -0.79 0.30 -4.99
N SER A 25 0.42 0.40 -4.44
CA SER A 25 1.42 -0.68 -4.36
C SER A 25 2.57 -0.10 -3.59
N ASN A 26 3.62 -0.93 -3.43
CA ASN A 26 4.85 -0.42 -2.85
C ASN A 26 5.60 0.52 -3.80
N VAL A 27 5.30 0.49 -5.08
CA VAL A 27 6.11 1.18 -6.09
C VAL A 27 5.42 2.31 -6.81
N GLY A 28 4.11 2.34 -6.72
CA GLY A 28 3.32 3.38 -7.44
C GLY A 28 3.27 4.74 -6.78
N PRO A 29 2.98 4.76 -5.48
CA PRO A 29 2.80 6.03 -4.77
C PRO A 29 3.98 6.97 -4.84
N ARG A 30 5.23 6.48 -4.86
CA ARG A 30 6.36 7.37 -4.98
C ARG A 30 6.36 8.17 -6.26
N ILE A 31 5.75 7.67 -7.31
CA ILE A 31 5.66 8.36 -8.57
C ILE A 31 4.37 9.21 -8.60
N VAL A 32 3.22 8.59 -8.31
CA VAL A 32 1.95 9.30 -8.43
C VAL A 32 1.82 10.42 -7.46
N ASN A 33 2.52 10.41 -6.33
CA ASN A 33 2.44 11.51 -5.40
CA ASN A 33 2.54 11.50 -5.37
C ASN A 33 3.13 12.77 -5.92
N GLN A 34 3.96 12.65 -6.97
CA GLN A 34 4.54 13.82 -7.64
C GLN A 34 3.68 14.35 -8.78
N ILE A 35 2.86 13.54 -9.37
CA ILE A 35 1.98 13.91 -10.49
C ILE A 35 0.68 14.51 -10.01
N PHE A 36 0.17 14.04 -8.85
CA PHE A 36 -1.14 14.41 -8.36
C PHE A 36 -1.07 14.98 -6.99
N ASP A 37 -2.07 15.75 -6.62
CA ASP A 37 -2.27 16.29 -5.27
C ASP A 37 -3.56 15.74 -4.66
N THR A 38 -3.69 15.94 -3.34
CA THR A 38 -4.86 15.64 -2.53
C THR A 38 -5.47 16.92 -2.01
N LEU A 39 -6.67 16.85 -1.48
CA LEU A 39 -7.33 17.98 -0.85
C LEU A 39 -6.64 18.46 0.43
N VAL A 40 -6.17 17.51 1.20
CA VAL A 40 -5.52 17.79 2.47
C VAL A 40 -4.37 16.88 2.54
N VAL A 41 -3.39 17.18 3.41
CA VAL A 41 -2.22 16.36 3.62
C VAL A 41 -1.98 16.16 5.11
N ARG A 42 -1.38 15.04 5.43
CA ARG A 42 -0.93 14.80 6.83
C ARG A 42 0.31 15.57 7.15
N ASP A 43 0.39 16.09 8.35
CA ASP A 43 1.63 16.68 8.86
C ASP A 43 2.34 15.57 9.57
N PHE A 44 3.39 15.07 8.92
CA PHE A 44 4.14 13.94 9.42
C PHE A 44 4.89 14.20 10.72
N PHE A 45 5.07 15.44 11.14
CA PHE A 45 5.77 15.79 12.35
C PHE A 45 4.92 16.52 13.34
N SER A 46 3.63 16.33 13.27
CA SER A 46 2.70 16.92 14.24
C SER A 46 2.66 16.09 15.49
N ASN A 47 2.35 16.74 16.59
CA ASN A 47 2.31 16.10 17.92
C ASN A 47 3.61 15.37 18.31
N GLY A 48 4.77 15.93 17.93
CA GLY A 48 6.09 15.34 18.21
C GLY A 48 6.42 14.07 17.44
N ALA A 49 5.59 13.72 16.46
CA ALA A 49 5.76 12.47 15.71
C ALA A 49 7.03 12.48 14.88
N PRO A 50 7.80 11.36 14.85
CA PRO A 50 9.03 11.33 14.05
C PRO A 50 8.84 10.96 12.58
N GLY A 51 7.86 11.58 11.93
CA GLY A 51 7.62 11.33 10.50
C GLY A 51 6.35 10.57 10.20
N ASN A 52 5.61 10.13 11.22
CA ASN A 52 4.35 9.39 11.07
C ASN A 52 3.16 10.13 11.74
N GLY A 53 3.23 11.46 11.79
CA GLY A 53 2.19 12.30 12.35
C GLY A 53 0.93 12.32 11.51
N ILE A 54 -0.18 12.77 12.14
CA ILE A 54 -1.50 12.64 11.50
C ILE A 54 -2.35 13.90 11.43
N ASN A 55 -2.00 15.06 12.08
N ASN A 55 -1.95 15.07 11.99
CA ASN A 55 -2.76 16.32 11.92
CA ASN A 55 -2.74 16.32 11.89
C ASN A 55 -2.94 16.62 10.45
C ASN A 55 -2.87 16.78 10.45
N LEU A 56 -4.07 17.16 10.06
CA LEU A 56 -4.35 17.44 8.65
C LEU A 56 -4.19 18.89 8.33
N MET A 57 -3.62 19.18 7.20
N MET A 57 -3.63 19.16 7.17
CA MET A 57 -3.35 20.52 6.78
CA MET A 57 -3.25 20.45 6.68
C MET A 57 -3.84 20.74 5.35
C MET A 57 -3.82 20.72 5.30
N PRO A 58 -4.05 22.00 4.96
CA PRO A 58 -4.55 22.31 3.61
C PRO A 58 -3.64 21.91 2.49
N SER A 59 -4.20 21.57 1.36
CA SER A 59 -3.50 21.31 0.12
C SER A 59 -4.35 21.88 -1.04
N LEU A 60 -4.98 21.02 -1.86
CA LEU A 60 -5.90 21.55 -2.87
C LEU A 60 -7.12 22.21 -2.27
N ALA A 61 -7.52 21.76 -1.08
CA ALA A 61 -8.49 22.49 -0.29
C ALA A 61 -7.79 23.51 0.60
N GLU A 62 -8.17 24.75 0.53
CA GLU A 62 -7.68 25.75 1.44
C GLU A 62 -8.30 25.65 2.81
N SER A 63 -9.51 25.15 2.90
CA SER A 63 -10.22 25.01 4.15
C SER A 63 -11.27 23.97 4.05
N TRP A 64 -11.74 23.49 5.16
CA TRP A 64 -12.81 22.51 5.22
C TRP A 64 -13.54 22.56 6.50
N GLU A 65 -14.80 22.18 6.48
CA GLU A 65 -15.66 22.17 7.65
C GLU A 65 -16.50 20.91 7.67
N ARG A 66 -16.49 20.15 8.74
CA ARG A 66 -17.42 19.04 8.91
C ARG A 66 -18.75 19.60 9.31
N ILE A 67 -19.76 19.40 8.51
CA ILE A 67 -21.09 19.92 8.75
C ILE A 67 -21.88 19.01 9.66
N ASP A 68 -21.80 17.74 9.48
CA ASP A 68 -22.50 16.72 10.27
C ASP A 68 -21.79 15.41 10.22
N ASP A 69 -22.35 14.37 10.75
CA ASP A 69 -21.69 13.09 10.79
C ASP A 69 -21.56 12.40 9.46
N LYS A 70 -22.07 12.96 8.41
CA LYS A 70 -22.04 12.41 7.07
C LYS A 70 -21.46 13.32 6.07
N SER A 71 -21.07 14.56 6.36
CA SER A 71 -20.83 15.56 5.31
C SER A 71 -19.73 16.50 5.65
N VAL A 72 -18.85 16.77 4.72
CA VAL A 72 -17.71 17.67 4.91
C VAL A 72 -17.62 18.59 3.73
N ARG A 73 -17.65 19.86 3.94
CA ARG A 73 -17.49 20.86 2.89
C ARG A 73 -16.06 21.26 2.72
N PHE A 74 -15.54 21.22 1.52
CA PHE A 74 -14.20 21.66 1.16
C PHE A 74 -14.23 22.88 0.32
N LYS A 75 -13.52 23.91 0.68
CA LYS A 75 -13.30 25.11 -0.14
C LYS A 75 -12.00 24.98 -0.86
N LEU A 76 -12.02 25.00 -2.16
CA LEU A 76 -10.83 24.69 -2.99
C LEU A 76 -10.05 25.91 -3.31
N ARG A 77 -8.75 25.72 -3.44
CA ARG A 77 -7.88 26.74 -4.02
C ARG A 77 -8.33 27.07 -5.43
N GLN A 78 -8.20 28.31 -5.78
CA GLN A 78 -8.60 28.84 -7.10
C GLN A 78 -7.40 28.95 -8.02
N LYS A 79 -7.61 28.83 -9.31
CA LYS A 79 -6.61 28.95 -10.37
C LYS A 79 -5.56 27.85 -10.30
N VAL A 80 -5.87 26.70 -9.74
CA VAL A 80 -5.00 25.51 -9.80
C VAL A 80 -5.15 24.94 -11.20
N MET A 81 -4.06 24.71 -11.89
CA MET A 81 -4.08 24.18 -13.23
C MET A 81 -3.67 22.75 -13.26
N PHE A 82 -4.43 21.93 -13.97
CA PHE A 82 -3.97 20.62 -14.39
C PHE A 82 -2.86 20.82 -15.42
N HIS A 83 -2.08 19.79 -15.63
CA HIS A 83 -0.91 19.86 -16.54
C HIS A 83 -1.24 20.24 -17.94
N ASP A 84 -2.44 20.01 -18.42
CA ASP A 84 -2.84 20.38 -19.77
C ASP A 84 -3.51 21.75 -19.83
N GLY A 85 -3.46 22.54 -18.80
CA GLY A 85 -3.99 23.89 -18.78
C GLY A 85 -5.42 24.06 -18.35
N VAL A 86 -6.10 23.01 -18.01
CA VAL A 86 -7.49 23.09 -17.56
C VAL A 86 -7.49 23.43 -16.07
N GLU A 87 -8.28 24.39 -15.64
CA GLU A 87 -8.36 24.74 -14.22
C GLU A 87 -9.14 23.71 -13.43
N MET A 88 -8.63 23.32 -12.32
CA MET A 88 -9.31 22.38 -11.43
C MET A 88 -10.49 23.10 -10.74
N THR A 89 -11.63 22.46 -10.72
CA THR A 89 -12.82 22.97 -10.06
C THR A 89 -13.43 21.89 -9.21
N ALA A 90 -14.50 22.26 -8.49
CA ALA A 90 -15.28 21.32 -7.73
C ALA A 90 -15.81 20.16 -8.54
N ASP A 91 -16.05 20.37 -9.85
CA ASP A 91 -16.47 19.25 -10.69
C ASP A 91 -15.49 18.10 -10.74
N ASP A 92 -14.20 18.44 -10.74
CA ASP A 92 -13.13 17.43 -10.73
C ASP A 92 -13.05 16.66 -9.45
N VAL A 93 -13.22 17.35 -8.35
CA VAL A 93 -13.21 16.71 -7.05
C VAL A 93 -14.44 15.83 -6.88
N ALA A 94 -15.59 16.29 -7.32
CA ALA A 94 -16.79 15.48 -7.27
C ALA A 94 -16.67 14.24 -8.11
N TYR A 95 -16.08 14.33 -9.28
CA TYR A 95 -15.88 13.18 -10.16
C TYR A 95 -14.94 12.18 -9.56
N THR A 96 -13.88 12.67 -8.92
CA THR A 96 -12.87 11.81 -8.26
C THR A 96 -13.53 10.85 -7.25
N PHE A 97 -14.54 11.33 -6.53
CA PHE A 97 -15.22 10.54 -5.52
C PHE A 97 -16.62 10.19 -5.88
N SER A 98 -16.89 10.02 -7.18
CA SER A 98 -18.23 9.77 -7.71
C SER A 98 -18.56 8.31 -7.75
N SER A 99 -19.86 8.00 -7.84
N SER A 99 -19.87 7.99 -7.84
CA SER A 99 -20.31 6.63 -8.08
CA SER A 99 -20.28 6.61 -8.06
C SER A 99 -19.73 6.13 -9.44
C SER A 99 -19.74 6.12 -9.43
N GLU A 100 -19.72 7.00 -10.45
CA GLU A 100 -19.25 6.61 -11.78
C GLU A 100 -17.82 6.16 -11.80
N ARG A 101 -16.94 6.91 -11.19
CA ARG A 101 -15.52 6.63 -11.25
C ARG A 101 -15.06 5.69 -10.21
N LEU A 102 -15.57 5.82 -8.96
CA LEU A 102 -14.97 5.16 -7.83
C LEU A 102 -15.74 4.02 -7.19
N TRP A 103 -16.98 4.25 -6.70
CA TRP A 103 -17.62 3.34 -5.77
C TRP A 103 -18.89 2.73 -6.23
N GLY A 104 -19.39 3.06 -7.40
CA GLY A 104 -20.61 2.46 -7.94
C GLY A 104 -20.34 1.10 -8.50
N PRO A 105 -21.42 0.40 -8.93
CA PRO A 105 -21.24 -0.97 -9.39
C PRO A 105 -20.36 -1.16 -10.61
N ASP A 106 -20.50 -0.31 -11.61
CA ASP A 106 -19.71 -0.41 -12.83
C ASP A 106 -18.24 0.05 -12.65
N ALA A 107 -17.97 0.89 -11.64
CA ALA A 107 -16.62 1.36 -11.40
C ALA A 107 -15.69 0.21 -11.05
N ILE A 108 -16.18 -0.96 -10.57
CA ILE A 108 -15.35 -2.14 -10.23
C ILE A 108 -14.73 -2.78 -11.44
N LYS A 109 -15.35 -2.66 -12.61
CA LYS A 109 -14.79 -3.27 -13.81
C LYS A 109 -13.44 -2.64 -14.17
N VAL A 110 -13.18 -1.39 -13.72
CA VAL A 110 -11.95 -0.71 -14.11
C VAL A 110 -11.09 -0.28 -12.92
N ILE A 111 -11.64 -0.13 -11.71
CA ILE A 111 -10.85 0.17 -10.50
C ILE A 111 -11.28 -0.97 -9.62
N PRO A 112 -10.69 -2.17 -9.84
CA PRO A 112 -11.21 -3.37 -9.19
C PRO A 112 -11.34 -3.25 -7.70
N LEU A 113 -10.44 -2.53 -7.09
CA LEU A 113 -10.42 -2.38 -5.65
C LEU A 113 -11.03 -1.09 -5.13
N GLY A 114 -11.67 -0.31 -5.99
CA GLY A 114 -12.22 0.96 -5.61
C GLY A 114 -13.29 0.86 -4.58
N GLY A 115 -14.21 -0.07 -4.77
CA GLY A 115 -15.28 -0.26 -3.80
C GLY A 115 -14.80 -0.72 -2.44
N SER A 116 -13.92 -1.75 -2.40
CA SER A 116 -13.38 -2.20 -1.12
C SER A 116 -12.58 -1.18 -0.36
N TYR A 117 -11.93 -0.26 -1.06
CA TYR A 117 -11.13 0.77 -0.43
C TYR A 117 -11.90 2.09 -0.30
N ALA A 118 -13.16 2.16 -0.62
CA ALA A 118 -13.96 3.35 -0.47
C ALA A 118 -14.64 3.34 0.87
N LEU A 119 -14.87 4.56 1.40
CA LEU A 119 -15.80 4.76 2.49
C LEU A 119 -17.21 4.55 1.91
N ASP A 120 -18.23 4.59 2.71
CA ASP A 120 -19.61 4.39 2.26
C ASP A 120 -20.14 5.71 1.67
N PHE A 121 -19.55 6.13 0.55
CA PHE A 121 -19.86 7.41 -0.04
C PHE A 121 -21.26 7.49 -0.57
N ASP A 122 -21.81 8.69 -0.54
CA ASP A 122 -22.90 9.08 -1.38
C ASP A 122 -22.34 10.05 -2.42
N GLU A 123 -23.16 10.49 -3.39
CA GLU A 123 -22.64 11.34 -4.43
C GLU A 123 -22.20 12.71 -3.90
N PRO A 124 -21.03 13.19 -4.27
CA PRO A 124 -20.65 14.53 -3.86
C PRO A 124 -21.59 15.58 -4.35
N VAL A 125 -21.68 16.71 -3.70
CA VAL A 125 -22.46 17.86 -4.14
C VAL A 125 -21.57 19.02 -4.45
N VAL A 126 -21.71 19.59 -5.63
CA VAL A 126 -20.99 20.80 -6.04
C VAL A 126 -21.85 21.99 -5.70
N GLU A 127 -21.41 22.84 -4.81
CA GLU A 127 -22.17 24.02 -4.43
C GLU A 127 -21.86 25.22 -5.29
N ASP A 128 -20.62 25.33 -5.76
CA ASP A 128 -20.17 26.38 -6.66
C ASP A 128 -18.84 25.92 -7.20
N LYS A 129 -18.23 26.71 -8.09
CA LYS A 129 -17.05 26.36 -8.79
C LYS A 129 -15.93 25.86 -7.89
N TYR A 130 -15.80 26.41 -6.68
CA TYR A 130 -14.74 26.10 -5.76
C TYR A 130 -15.23 25.52 -4.47
N THR A 131 -16.41 24.91 -4.42
CA THR A 131 -16.91 24.33 -3.16
C THR A 131 -17.56 23.03 -3.41
N VAL A 132 -17.15 22.00 -2.73
CA VAL A 132 -17.67 20.65 -2.85
C VAL A 132 -17.94 20.06 -1.51
N VAL A 133 -18.98 19.28 -1.40
CA VAL A 133 -19.34 18.57 -0.19
C VAL A 133 -19.20 17.09 -0.41
N ILE A 134 -18.34 16.44 0.33
CA ILE A 134 -18.13 15.03 0.31
C ILE A 134 -19.06 14.41 1.34
N ARG A 135 -19.81 13.41 0.97
CA ARG A 135 -20.86 12.80 1.75
C ARG A 135 -20.75 11.36 1.89
N THR A 136 -21.22 10.82 3.02
CA THR A 136 -21.31 9.41 3.22
C THR A 136 -22.76 9.04 3.53
N LYS A 137 -23.15 7.84 3.13
CA LYS A 137 -24.54 7.37 3.34
C LYS A 137 -24.80 7.06 4.79
N THR A 138 -23.80 6.69 5.54
CA THR A 138 -23.86 6.39 6.95
C THR A 138 -22.79 7.22 7.64
N PRO A 139 -22.87 7.43 8.95
CA PRO A 139 -21.89 8.26 9.64
C PRO A 139 -20.51 7.64 9.61
N THR A 140 -19.51 8.49 9.50
CA THR A 140 -18.13 8.08 9.66
C THR A 140 -17.27 9.27 10.03
N PRO A 141 -16.32 9.12 10.89
CA PRO A 141 -15.41 10.22 11.22
C PRO A 141 -14.19 10.26 10.28
N LEU A 142 -14.05 9.31 9.35
CA LEU A 142 -12.85 9.13 8.57
C LEU A 142 -12.71 9.94 7.35
N THR A 143 -13.71 10.68 6.94
CA THR A 143 -13.66 11.36 5.66
C THR A 143 -12.43 12.22 5.46
N GLU A 144 -12.14 13.09 6.42
CA GLU A 144 -11.08 14.06 6.27
C GLU A 144 -9.72 13.38 6.15
N SER A 145 -9.44 12.43 6.99
CA SER A 145 -8.18 11.71 6.90
C SER A 145 -8.12 10.86 5.63
N TYR A 146 -9.23 10.31 5.18
CA TYR A 146 -9.28 9.59 3.94
C TYR A 146 -8.81 10.47 2.78
N MET A 147 -9.16 11.73 2.81
CA MET A 147 -8.77 12.64 1.75
CA MET A 147 -8.80 12.69 1.76
C MET A 147 -7.28 12.95 1.70
N ALA A 148 -6.53 12.65 2.71
CA ALA A 148 -5.08 12.77 2.71
C ALA A 148 -4.42 11.47 2.31
N SER A 149 -5.15 10.41 2.08
CA SER A 149 -4.60 9.08 1.76
C SER A 149 -4.34 8.90 0.30
N TRP A 150 -3.78 7.74 -0.04
CA TRP A 150 -3.56 7.37 -1.42
C TRP A 150 -4.83 7.12 -2.21
N MET A 151 -6.00 7.15 -1.58
CA MET A 151 -7.25 7.14 -2.31
C MET A 151 -7.71 8.53 -2.71
N GLY A 152 -7.08 9.58 -2.26
CA GLY A 152 -7.57 10.94 -2.42
C GLY A 152 -7.02 11.76 -3.56
N ARG A 153 -6.21 11.22 -4.40
CA ARG A 153 -5.55 12.01 -5.45
CA ARG A 153 -5.56 12.04 -5.44
C ARG A 153 -6.58 12.50 -6.49
N ILE A 154 -6.58 13.76 -6.79
CA ILE A 154 -7.57 14.40 -7.63
C ILE A 154 -7.27 14.28 -9.10
N VAL A 155 -8.22 13.76 -9.85
CA VAL A 155 -8.12 13.58 -11.29
C VAL A 155 -8.94 14.61 -12.06
N PRO A 156 -8.59 14.85 -13.30
CA PRO A 156 -9.36 15.79 -14.14
C PRO A 156 -10.55 15.11 -14.79
N LYS A 157 -11.74 15.53 -14.42
CA LYS A 157 -12.95 14.89 -14.91
C LYS A 157 -13.06 14.76 -16.41
N ALA A 158 -12.93 15.83 -17.15
CA ALA A 158 -13.22 15.73 -18.58
C ALA A 158 -12.24 14.83 -19.27
N TYR A 159 -10.95 15.03 -19.03
CA TYR A 159 -9.91 14.25 -19.67
C TYR A 159 -9.96 12.78 -19.26
N TYR A 160 -10.09 12.55 -17.95
CA TYR A 160 -10.14 11.18 -17.45
C TYR A 160 -11.35 10.42 -18.04
N LYS A 161 -12.53 11.06 -17.97
CA LYS A 161 -13.74 10.39 -18.42
C LYS A 161 -13.70 10.11 -19.90
N THR A 162 -13.13 11.02 -20.71
CA THR A 162 -12.96 10.82 -22.13
C THR A 162 -12.07 9.62 -22.43
N LEU A 163 -10.92 9.51 -21.74
CA LEU A 163 -9.98 8.44 -21.98
CA LEU A 163 -10.01 8.40 -21.99
C LEU A 163 -10.44 7.12 -21.36
N GLY A 164 -11.06 7.20 -20.21
CA GLY A 164 -11.37 6.06 -19.39
C GLY A 164 -10.18 5.72 -18.51
N THR A 165 -10.43 5.03 -17.41
CA THR A 165 -9.44 4.66 -16.39
C THR A 165 -8.17 4.07 -16.94
N ALA A 166 -8.24 3.05 -17.77
CA ALA A 166 -7.07 2.38 -18.27
C ALA A 166 -6.17 3.25 -19.12
N ALA A 167 -6.74 3.94 -20.15
CA ALA A 167 -5.95 4.80 -21.02
C ALA A 167 -5.42 6.02 -20.23
N PHE A 168 -6.19 6.58 -19.32
CA PHE A 168 -5.70 7.66 -18.47
C PHE A 168 -4.44 7.23 -17.69
N GLY A 169 -4.43 5.99 -17.24
CA GLY A 169 -3.27 5.44 -16.53
C GLY A 169 -2.00 5.36 -17.34
N ASN A 170 -2.06 5.40 -18.67
CA ASN A 170 -0.91 5.44 -19.53
C ASN A 170 -0.52 6.86 -19.92
N LYS A 171 -1.36 7.87 -19.69
CA LYS A 171 -1.05 9.29 -20.01
C LYS A 171 -1.68 10.16 -18.93
N PRO A 172 -1.21 10.04 -17.71
CA PRO A 172 -1.89 10.76 -16.63
C PRO A 172 -1.69 12.25 -16.66
N VAL A 173 -2.73 12.98 -16.25
CA VAL A 173 -2.71 14.45 -16.07
C VAL A 173 -3.20 14.72 -14.69
N GLY A 174 -2.42 15.51 -13.95
CA GLY A 174 -2.72 15.86 -12.57
C GLY A 174 -2.42 17.32 -12.34
N THR A 175 -2.45 17.71 -11.08
CA THR A 175 -2.12 19.06 -10.65
C THR A 175 -0.76 19.16 -9.98
N GLY A 176 -0.07 18.08 -9.81
CA GLY A 176 1.14 18.04 -8.98
C GLY A 176 2.35 18.72 -9.55
N PRO A 177 3.42 18.77 -8.79
CA PRO A 177 4.63 19.50 -9.16
C PRO A 177 5.43 18.92 -10.29
N TYR A 178 5.15 17.71 -10.70
CA TYR A 178 5.82 17.10 -11.85
C TYR A 178 4.80 16.54 -12.78
N LYS A 179 5.07 16.65 -14.07
CA LYS A 179 4.15 16.20 -15.11
C LYS A 179 4.71 15.05 -15.86
N PHE A 180 3.80 14.23 -16.37
CA PHE A 180 4.14 13.02 -17.10
C PHE A 180 4.96 13.26 -18.34
N VAL A 181 5.98 12.48 -18.54
CA VAL A 181 6.71 12.47 -19.82
C VAL A 181 6.61 11.08 -20.42
N GLU A 182 6.99 10.00 -19.79
CA GLU A 182 7.01 8.68 -20.41
C GLU A 182 6.84 7.59 -19.39
N PHE A 183 6.31 6.46 -19.84
CA PHE A 183 6.12 5.25 -19.06
C PHE A 183 6.43 4.04 -19.92
N VAL A 184 7.46 3.29 -19.56
CA VAL A 184 7.81 2.04 -20.22
C VAL A 184 7.56 0.98 -19.17
N ALA A 185 6.57 0.09 -19.43
CA ALA A 185 6.21 -0.98 -18.52
C ALA A 185 7.40 -1.82 -18.17
N ASN A 186 7.57 -2.14 -16.90
CA ASN A 186 8.65 -2.96 -16.38
C ASN A 186 10.01 -2.36 -16.61
N ASP A 187 10.12 -1.02 -16.77
CA ASP A 187 11.38 -0.39 -17.04
C ASP A 187 11.53 1.00 -16.40
N ARG A 188 10.74 1.98 -16.81
CA ARG A 188 10.94 3.33 -16.29
C ARG A 188 9.75 4.23 -16.40
N VAL A 189 9.77 5.27 -15.58
CA VAL A 189 8.88 6.41 -15.67
C VAL A 189 9.68 7.68 -15.63
N VAL A 190 9.39 8.64 -16.50
CA VAL A 190 10.03 9.95 -16.47
C VAL A 190 8.95 10.99 -16.29
N ILE A 191 9.20 11.93 -15.36
CA ILE A 191 8.38 13.07 -15.08
C ILE A 191 9.20 14.32 -15.06
N GLU A 192 8.67 15.46 -15.38
CA GLU A 192 9.41 16.73 -15.45
C GLU A 192 8.84 17.82 -14.65
N ALA A 193 9.59 18.81 -14.27
CA ALA A 193 9.09 19.93 -13.43
C ALA A 193 7.92 20.60 -14.04
N ASN A 194 6.90 20.83 -13.26
CA ASN A 194 5.73 21.60 -13.60
C ASN A 194 5.89 22.96 -12.94
N ASP A 195 6.41 23.92 -13.64
CA ASP A 195 6.63 25.27 -13.07
C ASP A 195 5.34 26.10 -13.00
N ALA A 196 4.23 25.58 -13.50
CA ALA A 196 2.90 26.16 -13.27
C ALA A 196 2.26 25.60 -11.99
N TYR A 197 2.97 24.86 -11.19
CA TYR A 197 2.42 24.33 -9.94
C TYR A 197 1.98 25.44 -9.03
N TRP A 198 0.89 25.20 -8.32
CA TRP A 198 0.29 26.16 -7.40
C TRP A 198 1.10 26.33 -6.12
N GLY A 199 1.86 25.36 -5.74
CA GLY A 199 2.61 25.35 -4.47
C GLY A 199 4.07 25.70 -4.67
N LEU A 200 4.93 25.21 -3.85
CA LEU A 200 6.36 25.52 -3.96
C LEU A 200 6.91 25.09 -5.30
N LYS A 201 7.75 25.90 -5.89
CA LYS A 201 8.35 25.58 -7.18
C LYS A 201 9.12 24.27 -7.09
N PRO A 202 8.99 23.35 -8.06
CA PRO A 202 9.79 22.14 -8.07
C PRO A 202 11.28 22.43 -8.01
N THR A 203 11.99 21.60 -7.26
CA THR A 203 13.43 21.79 -7.09
C THR A 203 14.27 20.88 -7.97
N ALA A 204 13.73 19.91 -8.65
CA ALA A 204 14.42 19.09 -9.62
C ALA A 204 13.87 19.41 -10.99
N SER A 205 14.70 19.28 -12.02
CA SER A 205 14.21 19.54 -13.41
C SER A 205 13.45 18.39 -13.97
N LYS A 206 13.76 17.20 -13.58
CA LYS A 206 13.21 15.95 -14.07
C LYS A 206 13.49 14.86 -13.08
N ILE A 207 12.71 13.82 -13.09
CA ILE A 207 12.90 12.64 -12.28
C ILE A 207 12.71 11.43 -13.15
N THR A 208 13.67 10.52 -13.12
CA THR A 208 13.58 9.28 -13.82
C THR A 208 13.58 8.17 -12.78
N TYR A 209 12.56 7.36 -12.74
CA TYR A 209 12.48 6.17 -11.92
C TYR A 209 12.82 5.00 -12.81
N GLN A 210 13.92 4.35 -12.56
CA GLN A 210 14.43 3.25 -13.35
C GLN A 210 14.40 1.96 -12.55
N LEU A 211 13.75 0.94 -13.10
CA LEU A 211 13.73 -0.36 -12.42
C LEU A 211 15.12 -0.96 -12.42
N VAL A 212 15.64 -1.34 -11.25
CA VAL A 212 16.90 -2.07 -11.09
C VAL A 212 16.52 -3.19 -10.15
N ALA A 213 16.30 -4.38 -10.74
CA ALA A 213 15.69 -5.45 -9.99
C ALA A 213 16.51 -5.97 -8.83
N GLU A 214 17.80 -6.10 -9.04
CA GLU A 214 18.67 -6.66 -8.01
C GLU A 214 19.19 -5.58 -7.03
N PRO A 215 18.99 -5.71 -5.72
CA PRO A 215 19.45 -4.64 -4.81
C PRO A 215 20.93 -4.36 -4.83
N ALA A 216 21.78 -5.39 -5.03
CA ALA A 216 23.23 -5.13 -5.11
C ALA A 216 23.57 -4.29 -6.31
N THR A 217 22.83 -4.41 -7.41
CA THR A 217 23.03 -3.55 -8.58
C THR A 217 22.61 -2.11 -8.27
N ARG A 218 21.57 -1.94 -7.45
CA ARG A 218 21.15 -0.61 -7.04
C ARG A 218 22.21 0.01 -6.16
N VAL A 219 22.77 -0.77 -5.23
CA VAL A 219 23.87 -0.24 -4.38
C VAL A 219 25.07 0.18 -5.23
N ALA A 220 25.47 -0.69 -6.19
CA ALA A 220 26.60 -0.38 -7.03
C ALA A 220 26.35 0.83 -7.92
N GLY A 221 25.10 1.04 -8.37
CA GLY A 221 24.76 2.18 -9.20
C GLY A 221 24.73 3.49 -8.42
N LEU A 222 24.41 3.42 -7.11
CA LEU A 222 24.55 4.61 -6.28
C LEU A 222 26.03 4.95 -6.12
N ILE A 223 26.83 3.93 -5.85
CA ILE A 223 28.26 4.14 -5.65
C ILE A 223 28.92 4.71 -6.90
N SER A 224 28.53 4.25 -8.09
CA SER A 224 29.11 4.78 -9.34
C SER A 224 28.60 6.10 -9.82
N GLY A 225 27.49 6.60 -9.26
CA GLY A 225 26.88 7.84 -9.74
C GLY A 225 25.84 7.62 -10.82
N GLU A 226 25.55 6.36 -11.19
CA GLU A 226 24.49 6.07 -12.14
C GLU A 226 23.13 6.50 -11.56
N TYR A 227 22.95 6.35 -10.24
CA TYR A 227 21.73 6.77 -9.56
C TYR A 227 22.10 7.75 -8.50
N ASP A 228 21.22 8.72 -8.29
CA ASP A 228 21.32 9.68 -7.24
C ASP A 228 20.70 9.21 -5.94
N ILE A 229 19.67 8.38 -6.04
CA ILE A 229 18.86 7.83 -4.96
C ILE A 229 18.53 6.40 -5.33
N VAL A 230 18.52 5.49 -4.37
CA VAL A 230 18.05 4.13 -4.60
C VAL A 230 17.14 3.72 -3.44
N THR A 231 16.18 2.84 -3.75
CA THR A 231 15.21 2.39 -2.77
C THR A 231 15.33 0.95 -2.41
N THR A 232 14.60 0.59 -1.33
CA THR A 232 14.32 -0.78 -0.97
C THR A 232 15.56 -1.59 -0.67
N LEU A 233 16.40 -1.04 0.16
CA LEU A 233 17.60 -1.73 0.62
C LEU A 233 17.30 -2.36 1.98
N THR A 234 18.31 -3.01 2.56
CA THR A 234 18.17 -3.62 3.87
C THR A 234 19.22 -3.08 4.81
N PRO A 235 19.08 -3.35 6.12
CA PRO A 235 20.12 -2.92 7.07
C PRO A 235 21.53 -3.39 6.72
N ASP A 236 21.67 -4.58 6.12
CA ASP A 236 22.99 -5.11 5.75
C ASP A 236 23.74 -4.21 4.76
N ASP A 237 23.04 -3.38 3.97
CA ASP A 237 23.71 -2.50 3.00
C ASP A 237 24.26 -1.25 3.59
N MET A 238 23.85 -0.90 4.81
CA MET A 238 24.12 0.41 5.37
C MET A 238 25.59 0.70 5.60
N ALA A 239 26.34 -0.23 6.18
CA ALA A 239 27.77 0.01 6.49
C ALA A 239 28.56 0.36 5.24
N LEU A 240 28.40 -0.40 4.16
CA LEU A 240 29.14 -0.12 2.93
C LEU A 240 28.77 1.26 2.39
N ILE A 241 27.48 1.58 2.29
CA ILE A 241 27.09 2.87 1.72
C ILE A 241 27.60 4.02 2.59
N ASN A 242 27.42 3.91 3.89
CA ASN A 242 27.85 4.99 4.80
C ASN A 242 29.36 5.14 4.92
N SER A 243 30.13 4.20 4.39
CA SER A 243 31.60 4.36 4.35
C SER A 243 32.06 5.32 3.25
N TYR A 244 31.15 5.73 2.35
CA TYR A 244 31.44 6.69 1.29
C TYR A 244 31.03 8.06 1.81
N PRO A 245 31.96 9.03 1.96
CA PRO A 245 31.59 10.32 2.52
C PRO A 245 30.52 11.09 1.76
N ASP A 246 30.36 10.85 0.49
CA ASP A 246 29.34 11.54 -0.28
C ASP A 246 27.96 10.91 -0.28
N LEU A 247 27.81 9.74 0.36
CA LEU A 247 26.55 9.00 0.35
C LEU A 247 26.05 8.83 1.71
N GLU A 248 24.77 8.48 1.85
CA GLU A 248 24.20 8.13 3.12
C GLU A 248 22.97 7.27 2.96
N THR A 249 22.58 6.62 4.04
CA THR A 249 21.35 5.82 4.12
C THR A 249 20.42 6.42 5.12
N ARG A 250 19.13 6.11 4.96
CA ARG A 250 18.11 6.46 5.93
C ARG A 250 17.28 5.18 6.09
N GLY A 251 16.96 4.80 7.32
CA GLY A 251 16.11 3.64 7.57
C GLY A 251 15.04 3.93 8.61
N ASN A 252 13.90 3.22 8.49
CA ASN A 252 12.84 3.34 9.48
C ASN A 252 11.86 2.23 9.35
N ILE A 253 11.19 1.92 10.47
CA ILE A 253 10.09 0.97 10.44
C ILE A 253 8.95 1.65 9.74
N VAL A 254 8.37 0.95 8.77
CA VAL A 254 7.26 1.46 7.98
C VAL A 254 5.97 0.84 8.44
N GLU A 255 4.87 1.57 8.20
CA GLU A 255 3.52 1.17 8.58
C GLU A 255 3.01 0.27 7.45
N ASN A 256 3.67 -0.87 7.29
CA ASN A 256 3.41 -1.81 6.21
C ASN A 256 3.91 -3.13 6.72
N PHE A 257 3.24 -4.22 6.39
CA PHE A 257 3.75 -5.54 6.77
C PHE A 257 3.95 -6.39 5.58
N HIS A 258 5.02 -7.18 5.62
CA HIS A 258 5.25 -8.26 4.68
C HIS A 258 4.48 -9.47 5.15
N MET A 259 3.98 -10.23 4.18
CA MET A 259 3.25 -11.46 4.45
C MET A 259 3.46 -12.46 3.33
N PHE A 260 2.93 -13.66 3.56
CA PHE A 260 2.62 -14.60 2.52
C PHE A 260 1.15 -14.96 2.58
N THR A 261 0.61 -15.38 1.44
CA THR A 261 -0.80 -15.67 1.34
C THR A 261 -1.01 -16.80 0.34
N PHE A 262 -2.28 -17.15 0.12
CA PHE A 262 -2.68 -18.32 -0.61
C PHE A 262 -3.76 -18.04 -1.61
N ASN A 263 -3.80 -18.85 -2.67
CA ASN A 263 -4.91 -18.80 -3.61
C ASN A 263 -5.82 -19.89 -3.07
N MET A 264 -6.87 -19.47 -2.38
CA MET A 264 -7.79 -20.39 -1.72
C MET A 264 -8.89 -20.91 -2.66
N ASN A 265 -8.83 -20.58 -3.97
CA ASN A 265 -9.62 -21.27 -4.98
C ASN A 265 -8.94 -22.65 -5.25
N GLN A 266 -7.62 -22.81 -4.94
CA GLN A 266 -6.91 -24.07 -5.15
C GLN A 266 -7.30 -25.09 -4.08
N PRO A 267 -7.71 -26.33 -4.46
CA PRO A 267 -8.04 -27.35 -3.43
C PRO A 267 -7.08 -27.51 -2.23
N VAL A 268 -5.76 -27.45 -2.45
CA VAL A 268 -4.78 -27.61 -1.34
C VAL A 268 -4.98 -26.51 -0.25
N PHE A 269 -5.52 -25.32 -0.60
CA PHE A 269 -5.75 -24.25 0.38
C PHE A 269 -7.21 -23.81 0.51
N GLN A 270 -8.18 -24.63 0.05
CA GLN A 270 -9.59 -24.26 0.21
C GLN A 270 -10.03 -24.23 1.68
N SER A 271 -9.35 -25.01 2.55
CA SER A 271 -9.65 -25.12 3.96
C SER A 271 -8.46 -24.65 4.81
N LYS A 272 -8.76 -24.22 6.04
CA LYS A 272 -7.73 -23.68 6.94
C LYS A 272 -6.61 -24.61 7.41
N PRO A 273 -6.75 -25.96 7.59
CA PRO A 273 -5.66 -26.71 8.23
C PRO A 273 -4.24 -26.55 7.65
N LEU A 274 -4.04 -26.73 6.32
CA LEU A 274 -2.70 -26.61 5.77
C LEU A 274 -2.24 -25.14 5.76
N ARG A 275 -3.15 -24.16 5.66
CA ARG A 275 -2.74 -22.74 5.73
C ARG A 275 -2.18 -22.45 7.13
N ARG A 276 -2.93 -22.87 8.15
CA ARG A 276 -2.54 -22.65 9.54
C ARG A 276 -1.27 -23.42 9.87
N ALA A 277 -1.09 -24.65 9.33
CA ALA A 277 0.15 -25.39 9.58
C ALA A 277 1.38 -24.61 9.09
N LEU A 278 1.30 -24.03 7.89
CA LEU A 278 2.39 -23.24 7.35
C LEU A 278 2.66 -22.00 8.21
N ALA A 279 1.59 -21.36 8.72
CA ALA A 279 1.73 -20.20 9.58
C ALA A 279 2.44 -20.50 10.92
N LEU A 280 2.04 -21.61 11.55
CA LEU A 280 2.58 -21.98 12.85
C LEU A 280 4.01 -22.44 12.82
N ALA A 281 4.55 -22.79 11.63
CA ALA A 281 5.95 -23.17 11.51
C ALA A 281 6.91 -22.05 11.20
N VAL A 282 6.42 -20.79 11.09
CA VAL A 282 7.30 -19.67 10.77
C VAL A 282 7.98 -19.19 12.04
N ASN A 283 9.32 -19.26 12.10
CA ASN A 283 10.12 -18.79 13.24
C ASN A 283 10.56 -17.37 12.90
N ARG A 284 9.72 -16.42 13.23
CA ARG A 284 9.98 -15.01 12.85
C ARG A 284 11.23 -14.43 13.53
N PRO A 285 11.49 -14.64 14.85
CA PRO A 285 12.72 -14.08 15.42
C PRO A 285 13.98 -14.58 14.72
N LEU A 286 14.02 -15.84 14.26
CA LEU A 286 15.20 -16.36 13.56
C LEU A 286 15.41 -15.62 12.22
N ILE A 287 14.33 -15.36 11.49
CA ILE A 287 14.43 -14.67 10.20
C ILE A 287 14.90 -13.21 10.41
N VAL A 288 14.35 -12.56 11.41
CA VAL A 288 14.69 -11.18 11.72
C VAL A 288 16.16 -11.07 12.18
N GLN A 289 16.64 -12.02 12.98
CA GLN A 289 18.03 -12.00 13.45
C GLN A 289 18.99 -12.28 12.29
N SER A 290 18.61 -13.16 11.37
CA SER A 290 19.47 -13.55 10.28
C SER A 290 19.57 -12.55 9.17
N LEU A 291 18.45 -12.00 8.75
CA LEU A 291 18.41 -11.16 7.55
C LEU A 291 18.16 -9.70 7.78
N TRP A 292 17.74 -9.29 8.98
CA TRP A 292 17.36 -7.89 9.21
C TRP A 292 18.15 -7.16 10.27
N MET A 293 19.25 -7.76 10.77
CA MET A 293 20.05 -7.19 11.87
C MET A 293 19.17 -6.83 13.08
N ASN A 294 18.09 -7.63 13.30
CA ASN A 294 17.13 -7.39 14.38
C ASN A 294 16.47 -6.03 14.32
N LYS A 295 16.32 -5.46 13.11
CA LYS A 295 15.73 -4.14 12.95
C LYS A 295 14.28 -4.20 12.47
N ALA A 296 13.86 -5.31 11.84
CA ALA A 296 12.46 -5.48 11.47
C ALA A 296 11.65 -5.76 12.76
N THR A 297 10.39 -5.35 12.81
CA THR A 297 9.48 -5.41 13.96
C THR A 297 8.45 -6.49 13.73
N ILE A 298 8.15 -7.31 14.73
CA ILE A 298 7.12 -8.33 14.62
C ILE A 298 5.91 -7.82 15.38
N PRO A 299 4.77 -7.55 14.70
CA PRO A 299 3.62 -7.00 15.42
C PRO A 299 2.88 -8.09 16.21
N ASN A 300 2.12 -7.70 17.24
CA ASN A 300 1.31 -8.66 18.00
C ASN A 300 -0.03 -8.82 17.28
N GLY A 301 -0.01 -9.51 16.17
CA GLY A 301 -1.16 -9.73 15.33
C GLY A 301 -1.34 -8.68 14.27
N PHE A 302 -2.51 -8.74 13.64
CA PHE A 302 -2.88 -7.76 12.60
C PHE A 302 -3.35 -6.50 13.36
N ASN A 303 -2.38 -5.77 13.90
CA ASN A 303 -2.60 -4.83 14.97
C ASN A 303 -1.41 -3.92 15.05
N PHE A 304 -1.62 -2.66 14.70
CA PHE A 304 -0.54 -1.69 14.54
C PHE A 304 -0.79 -0.39 15.30
N PRO A 305 0.24 0.27 15.85
CA PRO A 305 0.01 1.48 16.66
C PRO A 305 -0.73 2.62 16.00
N ASN A 306 -0.60 2.74 14.68
CA ASN A 306 -1.30 3.83 13.96
C ASN A 306 -2.83 3.69 14.01
N TYR A 307 -3.36 2.51 14.39
CA TYR A 307 -4.81 2.35 14.50
C TYR A 307 -5.41 3.21 15.64
N GLY A 308 -4.58 3.74 16.54
CA GLY A 308 -5.05 4.62 17.61
C GLY A 308 -5.98 3.94 18.58
N LYS A 309 -7.26 4.28 18.51
CA LYS A 309 -8.27 3.75 19.43
C LYS A 309 -8.58 2.26 19.16
N THR A 310 -8.18 1.72 17.98
CA THR A 310 -8.34 0.30 17.68
C THR A 310 -6.99 -0.43 17.62
N PHE A 311 -5.94 0.14 18.24
CA PHE A 311 -4.69 -0.56 18.44
C PHE A 311 -4.81 -1.21 19.83
N ASP A 312 -4.39 -2.48 19.97
CA ASP A 312 -4.42 -3.14 21.27
C ASP A 312 -2.95 -3.30 21.72
N PRO A 313 -2.44 -2.48 22.68
CA PRO A 313 -1.03 -2.64 23.07
C PRO A 313 -0.71 -3.88 23.89
N ASN A 314 -1.74 -4.56 24.38
CA ASN A 314 -1.60 -5.73 25.24
C ASN A 314 -1.98 -7.04 24.54
N ARG A 315 -2.14 -7.05 23.21
CA ARG A 315 -2.49 -8.25 22.50
C ARG A 315 -1.32 -9.22 22.51
N ARG A 316 -1.65 -10.51 22.57
CA ARG A 316 -0.64 -11.55 22.59
C ARG A 316 0.12 -11.65 21.26
N ALA A 317 1.29 -12.25 21.31
CA ALA A 317 2.08 -12.52 20.14
C ALA A 317 1.40 -13.54 19.22
N MET A 318 1.74 -13.50 17.92
CA MET A 318 1.31 -14.51 16.96
C MET A 318 2.10 -15.80 17.32
N GLU A 319 1.43 -16.93 17.20
CA GLU A 319 1.95 -18.19 17.67
C GLU A 319 2.96 -18.88 16.76
N TYR A 320 3.90 -19.55 17.41
CA TYR A 320 4.92 -20.38 16.80
C TYR A 320 4.79 -21.73 17.53
N ASN A 321 4.34 -22.74 16.79
CA ASN A 321 4.03 -24.02 17.40
C ASN A 321 4.20 -25.12 16.36
N ILE A 322 5.43 -25.65 16.28
CA ILE A 322 5.72 -26.69 15.29
C ILE A 322 5.04 -28.02 15.64
N GLU A 323 4.78 -28.32 16.94
CA GLU A 323 4.00 -29.48 17.32
C GLU A 323 2.60 -29.43 16.67
N GLU A 324 1.88 -28.32 16.81
CA GLU A 324 0.55 -28.19 16.23
C GLU A 324 0.64 -28.15 14.68
N ALA A 325 1.69 -27.51 14.11
CA ALA A 325 1.86 -27.47 12.66
C ALA A 325 1.92 -28.90 12.05
N LYS A 326 2.74 -29.78 12.65
CA LYS A 326 2.88 -31.15 12.18
C LYS A 326 1.54 -31.90 12.24
N ARG A 327 0.78 -31.70 13.34
CA ARG A 327 -0.51 -32.35 13.50
C ARG A 327 -1.48 -31.93 12.43
N LEU A 328 -1.47 -30.63 12.07
CA LEU A 328 -2.37 -30.14 11.05
C LEU A 328 -2.00 -30.61 9.65
N VAL A 329 -0.70 -30.83 9.37
CA VAL A 329 -0.25 -31.33 8.06
C VAL A 329 -0.87 -32.73 7.84
N LYS A 330 -0.82 -33.55 8.90
CA LYS A 330 -1.39 -34.90 8.90
C LYS A 330 -2.92 -34.84 8.68
N GLU A 331 -3.63 -34.03 9.48
CA GLU A 331 -5.09 -33.87 9.42
C GLU A 331 -5.56 -33.40 8.03
N SER A 332 -4.86 -32.43 7.43
CA SER A 332 -5.25 -31.87 6.11
C SER A 332 -5.30 -32.90 4.98
N GLY A 333 -4.59 -34.01 5.13
CA GLY A 333 -4.49 -35.03 4.10
C GLY A 333 -3.42 -34.72 3.06
N TYR A 334 -2.60 -33.63 3.28
CA TYR A 334 -1.54 -33.17 2.36
C TYR A 334 -0.72 -34.36 1.77
N ASP A 335 -0.56 -34.34 0.44
CA ASP A 335 0.01 -35.42 -0.37
C ASP A 335 1.54 -35.53 -0.44
N GLY A 336 2.26 -34.52 0.02
CA GLY A 336 3.72 -34.47 -0.18
C GLY A 336 4.08 -33.80 -1.51
N THR A 337 3.06 -33.49 -2.34
CA THR A 337 3.19 -32.87 -3.66
C THR A 337 3.79 -31.47 -3.47
N PRO A 338 4.87 -31.12 -4.19
CA PRO A 338 5.43 -29.76 -4.02
C PRO A 338 4.42 -28.62 -4.25
N ILE A 339 4.52 -27.56 -3.43
CA ILE A 339 3.66 -26.37 -3.56
C ILE A 339 4.51 -25.20 -3.98
N THR A 340 4.13 -24.49 -5.04
CA THR A 340 4.93 -23.34 -5.50
C THR A 340 4.67 -22.10 -4.65
N TYR A 341 5.70 -21.29 -4.49
CA TYR A 341 5.62 -19.99 -3.82
C TYR A 341 6.21 -19.03 -4.81
N HIS A 342 5.39 -18.14 -5.32
CA HIS A 342 5.83 -17.18 -6.33
C HIS A 342 6.28 -15.87 -5.70
N THR A 343 7.42 -15.39 -6.16
CA THR A 343 7.98 -14.12 -5.71
C THR A 343 8.58 -13.40 -6.91
N MET A 344 8.33 -12.08 -7.04
CA MET A 344 8.90 -11.28 -8.13
C MET A 344 10.28 -10.81 -7.68
N GLY A 345 11.23 -11.74 -7.63
CA GLY A 345 12.56 -11.47 -7.09
C GLY A 345 12.47 -10.89 -5.69
N ASN A 346 13.20 -9.81 -5.47
CA ASN A 346 13.21 -9.07 -4.22
C ASN A 346 12.51 -7.73 -4.41
N TYR A 347 11.34 -7.76 -5.06
CA TYR A 347 10.43 -6.60 -5.07
C TYR A 347 10.14 -6.17 -3.62
N TYR A 348 9.92 -7.16 -2.73
CA TYR A 348 9.91 -7.03 -1.29
C TYR A 348 11.32 -7.28 -0.83
N ALA A 349 11.88 -6.40 -0.02
CA ALA A 349 13.24 -6.57 0.51
C ALA A 349 13.32 -7.89 1.31
N ASN A 350 14.36 -8.65 1.02
CA ASN A 350 14.61 -9.96 1.60
C ASN A 350 13.58 -11.01 1.27
N ALA A 351 12.82 -10.88 0.19
CA ALA A 351 11.79 -11.85 -0.14
C ALA A 351 12.38 -13.23 -0.41
N VAL A 352 13.45 -13.30 -1.23
CA VAL A 352 13.99 -14.59 -1.63
C VAL A 352 14.74 -15.20 -0.46
N PRO A 353 15.69 -14.52 0.23
CA PRO A 353 16.33 -15.18 1.38
C PRO A 353 15.35 -15.54 2.51
N ALA A 354 14.27 -14.77 2.74
CA ALA A 354 13.28 -15.15 3.76
C ALA A 354 12.52 -16.41 3.31
N LEU A 355 12.15 -16.49 2.02
CA LEU A 355 11.50 -17.69 1.47
C LEU A 355 12.39 -18.90 1.62
N MET A 356 13.70 -18.77 1.33
CA MET A 356 14.56 -19.94 1.49
C MET A 356 14.60 -20.44 2.94
N MET A 357 14.60 -19.51 3.94
CA MET A 357 14.58 -19.91 5.35
C MET A 357 13.25 -20.59 5.66
N MET A 358 12.13 -20.07 5.14
CA MET A 358 10.84 -20.67 5.41
C MET A 358 10.66 -22.02 4.73
N ILE A 359 11.29 -22.24 3.56
CA ILE A 359 11.22 -23.54 2.89
C ILE A 359 11.81 -24.61 3.82
N GLU A 360 12.92 -24.27 4.51
CA GLU A 360 13.55 -25.21 5.44
C GLU A 360 12.63 -25.44 6.64
N MET A 361 11.98 -24.37 7.15
CA MET A 361 11.05 -24.51 8.27
C MET A 361 9.86 -25.41 7.92
N TRP A 362 9.42 -25.33 6.66
CA TRP A 362 8.31 -26.12 6.16
C TRP A 362 8.71 -27.52 5.88
N LYS A 363 9.94 -27.74 5.42
CA LYS A 363 10.47 -29.11 5.27
C LYS A 363 10.44 -29.84 6.65
N GLN A 364 10.81 -29.13 7.73
CA GLN A 364 10.86 -29.70 9.09
C GLN A 364 9.47 -30.13 9.61
N ILE A 365 8.35 -29.65 9.01
CA ILE A 365 6.98 -30.08 9.35
C ILE A 365 6.36 -31.02 8.28
N GLY A 366 7.15 -31.45 7.30
CA GLY A 366 6.71 -32.37 6.25
C GLY A 366 6.12 -31.75 4.99
N VAL A 367 6.23 -30.39 4.78
CA VAL A 367 5.67 -29.78 3.56
C VAL A 367 6.78 -29.35 2.62
N THR A 368 6.65 -29.68 1.31
CA THR A 368 7.64 -29.32 0.30
C THR A 368 7.10 -28.12 -0.45
N VAL A 369 7.83 -27.00 -0.34
CA VAL A 369 7.50 -25.73 -0.98
C VAL A 369 8.67 -25.45 -1.94
N VAL A 370 8.34 -25.07 -3.20
CA VAL A 370 9.34 -24.78 -4.24
C VAL A 370 9.28 -23.30 -4.60
N PRO A 371 10.43 -22.65 -4.70
CA PRO A 371 10.43 -21.24 -5.06
C PRO A 371 10.19 -21.04 -6.55
N LYS A 372 9.40 -20.03 -6.93
N LYS A 372 9.41 -20.03 -6.93
CA LYS A 372 9.17 -19.68 -8.32
CA LYS A 372 9.17 -19.67 -8.33
C LYS A 372 9.45 -18.19 -8.40
C LYS A 372 9.44 -18.19 -8.42
N VAL A 373 10.69 -17.86 -8.73
CA VAL A 373 11.17 -16.50 -8.81
C VAL A 373 11.00 -15.98 -10.23
N TYR A 374 10.18 -14.93 -10.40
CA TYR A 374 9.85 -14.38 -11.71
C TYR A 374 10.20 -12.92 -11.85
N ALA A 375 10.25 -12.47 -13.12
CA ALA A 375 10.66 -11.11 -13.46
C ALA A 375 9.43 -10.24 -13.57
N PRO A 376 9.57 -8.89 -13.46
CA PRO A 376 8.41 -8.00 -13.65
C PRO A 376 7.74 -8.24 -14.99
N GLY A 377 6.42 -8.34 -14.98
CA GLY A 377 5.63 -8.67 -16.15
C GLY A 377 5.41 -10.16 -16.35
N GLY A 378 6.12 -10.99 -15.59
CA GLY A 378 6.00 -12.44 -15.65
C GLY A 378 5.17 -13.07 -14.56
N ALA A 379 4.25 -12.31 -13.92
CA ALA A 379 3.39 -12.84 -12.86
C ALA A 379 2.52 -13.97 -13.41
N PRO A 380 2.25 -15.04 -12.63
CA PRO A 380 1.44 -16.14 -13.18
C PRO A 380 -0.04 -15.81 -13.22
N LYS A 381 -0.80 -16.60 -13.98
CA LYS A 381 -2.26 -16.48 -14.00
C LYS A 381 -2.73 -17.02 -12.64
N ASP A 382 -3.88 -16.53 -12.12
CA ASP A 382 -4.36 -16.96 -10.80
C ASP A 382 -4.44 -18.49 -10.68
N GLN A 383 -4.93 -19.17 -11.75
CA GLN A 383 -4.99 -20.64 -11.77
C GLN A 383 -3.64 -21.36 -11.56
N ASP A 384 -2.51 -20.69 -11.83
CA ASP A 384 -1.18 -21.24 -11.64
C ASP A 384 -0.51 -20.75 -10.34
N SER A 385 -1.22 -19.97 -9.52
CA SER A 385 -0.71 -19.44 -8.26
C SER A 385 -1.24 -20.24 -7.09
N TYR A 386 -0.36 -20.56 -6.14
CA TYR A 386 -0.68 -21.35 -4.95
C TYR A 386 -0.28 -20.50 -3.75
N MET A 387 1.01 -20.49 -3.35
CA MET A 387 1.47 -19.53 -2.33
C MET A 387 2.12 -18.35 -3.07
N ARG A 388 2.07 -17.17 -2.44
CA ARG A 388 2.72 -15.98 -2.98
C ARG A 388 2.98 -15.05 -1.81
N ASN A 389 3.91 -14.16 -2.00
CA ASN A 389 4.16 -13.10 -1.02
C ASN A 389 3.34 -11.83 -1.37
N TRP A 390 3.16 -10.96 -0.39
CA TRP A 390 2.38 -9.72 -0.56
C TRP A 390 2.77 -8.80 0.60
N SER A 391 2.22 -7.60 0.61
CA SER A 391 2.34 -6.65 1.69
C SER A 391 1.03 -5.89 1.79
N ASN A 392 0.79 -5.29 2.95
CA ASN A 392 -0.30 -4.35 3.08
C ASN A 392 0.20 -3.13 3.80
N GLY A 393 0.02 -1.97 3.19
CA GLY A 393 0.26 -0.68 3.87
C GLY A 393 -0.90 -0.30 4.76
N GLN A 394 -0.66 0.09 5.99
CA GLN A 394 -1.72 0.43 6.97
C GLN A 394 -2.00 1.91 6.84
N TRP A 395 -2.88 2.25 5.89
CA TRP A 395 -3.08 3.59 5.37
C TRP A 395 -4.15 4.43 6.08
N MET A 396 -4.71 4.01 7.15
CA MET A 396 -5.67 4.79 7.92
C MET A 396 -5.38 4.73 9.40
N THR A 397 -5.80 5.74 10.17
CA THR A 397 -5.67 5.72 11.64
C THR A 397 -6.84 5.01 12.28
N ASP A 398 -7.15 3.83 11.77
CA ASP A 398 -8.30 3.04 12.18
C ASP A 398 -8.06 1.64 11.65
N ALA A 399 -8.39 0.64 12.42
CA ALA A 399 -8.19 -0.77 12.05
C ALA A 399 -9.06 -1.22 10.90
N TRP A 400 -10.02 -0.40 10.42
CA TRP A 400 -10.73 -0.71 9.19
C TRP A 400 -9.75 -1.06 8.05
N ALA A 401 -8.63 -0.33 7.97
CA ALA A 401 -7.61 -0.65 6.99
C ALA A 401 -6.50 -1.39 7.71
N THR A 402 -6.03 -2.58 7.21
CA THR A 402 -6.47 -3.27 6.01
C THR A 402 -7.22 -4.54 6.28
N MET A 403 -7.56 -4.85 7.53
CA MET A 403 -8.33 -6.08 7.82
C MET A 403 -9.65 -6.08 7.02
N ILE A 404 -10.40 -4.97 7.06
CA ILE A 404 -11.70 -4.93 6.38
C ILE A 404 -11.52 -4.69 4.90
N CYS A 405 -10.71 -3.69 4.52
CA CYS A 405 -10.47 -3.40 3.07
C CYS A 405 -10.08 -4.54 2.26
N GLU A 406 -9.08 -5.31 2.78
CA GLU A 406 -8.52 -6.38 1.99
C GLU A 406 -9.15 -7.71 2.31
N PHE A 407 -9.42 -7.96 3.60
CA PHE A 407 -9.87 -9.28 4.04
C PHE A 407 -11.37 -9.39 4.33
N GLY A 408 -12.11 -8.30 4.25
CA GLY A 408 -13.55 -8.29 4.51
C GLY A 408 -14.34 -8.84 3.35
N PRO A 409 -15.68 -8.92 3.52
CA PRO A 409 -16.51 -9.53 2.48
C PRO A 409 -16.50 -8.81 1.15
N LYS A 410 -16.22 -7.51 1.11
CA LYS A 410 -16.13 -6.79 -0.16
C LYS A 410 -14.70 -6.87 -0.78
N GLY A 411 -13.71 -7.36 -0.04
CA GLY A 411 -12.33 -7.38 -0.51
C GLY A 411 -11.91 -8.46 -1.49
N GLN A 412 -10.69 -8.31 -2.00
CA GLN A 412 -10.11 -9.22 -2.99
C GLN A 412 -9.70 -10.58 -2.46
N VAL A 413 -9.43 -10.68 -1.15
CA VAL A 413 -8.97 -11.96 -0.59
C VAL A 413 -10.13 -12.97 -0.65
N GLN A 414 -11.35 -12.51 -0.37
CA GLN A 414 -12.53 -13.36 -0.48
C GLN A 414 -13.02 -13.42 -1.96
N LYS A 415 -13.14 -12.29 -2.64
CA LYS A 415 -13.74 -12.26 -4.00
C LYS A 415 -12.84 -12.84 -5.12
N ARG A 416 -11.57 -12.41 -5.19
CA ARG A 416 -10.66 -12.91 -6.22
C ARG A 416 -9.91 -14.18 -5.77
N TRP A 417 -9.41 -14.20 -4.53
CA TRP A 417 -8.55 -15.29 -4.09
C TRP A 417 -9.28 -16.43 -3.35
N GLY A 418 -10.59 -16.34 -3.28
CA GLY A 418 -11.45 -17.42 -2.80
C GLY A 418 -11.51 -17.78 -1.34
N TRP A 419 -11.15 -16.88 -0.42
CA TRP A 419 -11.24 -17.18 1.00
C TRP A 419 -12.68 -17.23 1.40
N LYS A 420 -13.12 -18.41 1.85
CA LYS A 420 -14.49 -18.57 2.33
C LYS A 420 -14.42 -18.34 3.82
N ALA A 421 -14.57 -17.06 4.20
CA ALA A 421 -14.41 -16.65 5.57
C ALA A 421 -15.59 -17.12 6.40
N PRO A 422 -15.42 -17.41 7.72
CA PRO A 422 -16.60 -17.75 8.52
C PRO A 422 -17.65 -16.66 8.45
N ALA A 423 -18.93 -17.02 8.53
CA ALA A 423 -20.01 -16.04 8.50
C ALA A 423 -19.85 -15.01 9.63
N GLU A 424 -19.36 -15.45 10.83
CA GLU A 424 -19.11 -14.56 11.97
C GLU A 424 -18.11 -13.49 11.60
N PHE A 425 -17.06 -13.85 10.83
CA PHE A 425 -16.07 -12.85 10.41
C PHE A 425 -16.72 -11.77 9.56
N ASN A 426 -17.50 -12.15 8.53
CA ASN A 426 -18.14 -11.20 7.66
C ASN A 426 -19.20 -10.36 8.36
N ASP A 427 -19.91 -10.95 9.36
CA ASP A 427 -20.87 -10.18 10.16
C ASP A 427 -20.15 -9.19 11.10
N LEU A 428 -18.96 -9.54 11.66
CA LEU A 428 -18.18 -8.60 12.49
C LEU A 428 -17.59 -7.48 11.62
N CYS A 429 -17.24 -7.78 10.35
CA CYS A 429 -16.74 -6.75 9.42
C CYS A 429 -17.85 -5.72 9.19
N THR A 430 -19.06 -6.20 8.92
CA THR A 430 -20.23 -5.32 8.72
C THR A 430 -20.50 -4.50 10.00
N LYS A 431 -20.42 -5.13 11.16
CA LYS A 431 -20.66 -4.48 12.46
C LYS A 431 -19.69 -3.33 12.79
N VAL A 432 -18.38 -3.58 12.76
CA VAL A 432 -17.39 -2.54 13.08
C VAL A 432 -17.50 -1.33 12.17
N SER A 433 -17.98 -1.53 10.94
CA SER A 433 -18.10 -0.46 9.96
C SER A 433 -19.32 0.45 10.22
N GLN A 434 -20.30 0.01 11.04
CA GLN A 434 -21.49 0.81 11.37
C GLN A 434 -21.56 1.31 12.83
N ILE A 435 -20.53 1.06 13.66
CA ILE A 435 -20.55 1.49 15.06
C ILE A 435 -19.35 2.41 15.34
N PRO A 436 -19.44 3.35 16.33
CA PRO A 436 -18.30 4.23 16.60
C PRO A 436 -17.25 3.61 17.51
N ASP A 437 -16.11 4.31 17.75
CA ASP A 437 -15.08 3.80 18.64
C ASP A 437 -15.66 3.61 20.04
N SER A 438 -15.46 2.39 20.57
CA SER A 438 -16.04 1.97 21.85
C SER A 438 -15.52 0.57 22.20
N LYS A 439 -15.84 0.04 23.39
CA LYS A 439 -15.40 -1.29 23.76
C LYS A 439 -15.96 -2.35 22.79
N GLU A 440 -17.22 -2.22 22.31
CA GLU A 440 -17.77 -3.20 21.35
C GLU A 440 -16.92 -3.22 20.05
N ARG A 441 -16.50 -2.05 19.58
CA ARG A 441 -15.70 -1.96 18.34
C ARG A 441 -14.28 -2.51 18.54
N PHE A 442 -13.62 -2.10 19.62
CA PHE A 442 -12.29 -2.58 19.99
C PHE A 442 -12.31 -4.13 20.14
N ASP A 443 -13.31 -4.67 20.83
CA ASP A 443 -13.43 -6.12 21.02
C ASP A 443 -13.71 -6.85 19.71
N ALA A 444 -14.51 -6.26 18.84
CA ALA A 444 -14.82 -6.85 17.56
C ALA A 444 -13.54 -7.00 16.71
N PHE A 445 -12.66 -5.98 16.73
CA PHE A 445 -11.39 -6.08 15.98
C PHE A 445 -10.50 -7.17 16.57
N ASN A 446 -10.48 -7.29 17.87
CA ASN A 446 -9.72 -8.39 18.49
C ASN A 446 -10.30 -9.76 18.10
N ARG A 447 -11.62 -9.91 18.00
CA ARG A 447 -12.23 -11.16 17.50
C ARG A 447 -11.89 -11.40 16.01
N LEU A 448 -11.90 -10.34 15.17
CA LEU A 448 -11.50 -10.50 13.77
C LEU A 448 -10.04 -10.99 13.68
N ARG A 449 -9.16 -10.42 14.50
CA ARG A 449 -7.74 -10.78 14.56
C ARG A 449 -7.56 -12.24 14.94
N ASP A 450 -8.37 -12.69 15.89
CA ASP A 450 -8.34 -14.09 16.30
C ASP A 450 -8.79 -15.00 15.17
N ILE A 451 -9.87 -14.69 14.48
CA ILE A 451 -10.34 -15.48 13.34
C ILE A 451 -9.30 -15.47 12.25
N PHE A 452 -8.65 -14.32 11.99
CA PHE A 452 -7.59 -14.23 10.99
C PHE A 452 -6.48 -15.25 11.29
N GLU A 453 -6.08 -15.34 12.55
CA GLU A 453 -5.04 -16.26 12.97
C GLU A 453 -5.49 -17.71 12.91
N GLU A 454 -6.74 -18.00 13.25
CA GLU A 454 -7.25 -19.37 13.16
C GLU A 454 -7.43 -19.82 11.71
N GLU A 455 -7.85 -18.92 10.83
CA GLU A 455 -8.15 -19.24 9.43
C GLU A 455 -6.95 -19.16 8.51
N ALA A 456 -5.94 -18.35 8.88
CA ALA A 456 -4.75 -18.10 8.09
C ALA A 456 -5.02 -17.88 6.59
N PRO A 457 -5.87 -16.86 6.22
CA PRO A 457 -5.95 -16.49 4.78
C PRO A 457 -4.64 -15.85 4.29
N ALA A 458 -3.87 -15.32 5.25
CA ALA A 458 -2.53 -14.79 5.04
C ALA A 458 -1.76 -14.96 6.36
N VAL A 459 -0.42 -14.85 6.29
CA VAL A 459 0.44 -15.00 7.44
C VAL A 459 1.33 -13.76 7.49
N ILE A 460 1.26 -13.03 8.58
CA ILE A 460 2.05 -11.81 8.75
C ILE A 460 3.45 -12.22 9.14
N LEU A 461 4.45 -11.66 8.49
CA LEU A 461 5.88 -11.88 8.77
C LEU A 461 6.41 -10.85 9.76
N TYR A 462 6.43 -9.59 9.35
CA TYR A 462 6.99 -8.50 10.12
C TYR A 462 6.76 -7.20 9.34
N GLN A 463 7.08 -6.09 10.00
CA GLN A 463 7.18 -4.80 9.36
C GLN A 463 8.64 -4.64 8.97
N PRO A 464 8.92 -4.43 7.70
CA PRO A 464 10.32 -4.27 7.29
C PRO A 464 10.91 -2.98 7.84
N PHE A 465 12.24 -3.00 8.00
CA PHE A 465 13.01 -1.76 8.30
C PHE A 465 13.43 -1.29 6.92
N ASP A 466 12.69 -0.33 6.39
CA ASP A 466 12.91 0.12 5.02
C ASP A 466 14.11 1.03 5.00
N VAL A 467 15.01 0.80 4.06
CA VAL A 467 16.22 1.61 3.91
C VAL A 467 16.28 2.14 2.51
N TYR A 468 16.56 3.44 2.39
CA TYR A 468 16.88 4.04 1.11
C TYR A 468 18.25 4.69 1.24
N ALA A 469 18.83 5.11 0.13
CA ALA A 469 20.16 5.72 0.13
C ALA A 469 20.25 6.73 -0.93
N ALA A 470 21.11 7.72 -0.73
CA ALA A 470 21.22 8.83 -1.67
C ALA A 470 22.53 9.53 -1.51
N ARG A 471 22.92 10.30 -2.50
CA ARG A 471 23.97 11.27 -2.32
C ARG A 471 23.57 12.28 -1.29
N LYS A 472 24.51 12.64 -0.41
CA LYS A 472 24.24 13.69 0.58
C LYS A 472 23.87 15.01 -0.08
N ASP A 473 24.42 15.32 -1.24
CA ASP A 473 24.10 16.60 -1.88
C ASP A 473 22.80 16.62 -2.65
N VAL A 474 22.04 15.54 -2.60
CA VAL A 474 20.67 15.45 -3.14
C VAL A 474 19.76 15.57 -1.94
N HIS A 475 19.22 16.73 -1.70
CA HIS A 475 18.50 17.03 -0.48
C HIS A 475 17.04 16.80 -0.56
N TRP A 476 16.48 16.38 -1.66
CA TRP A 476 15.05 16.14 -1.79
C TRP A 476 14.93 14.84 -2.51
N ARG A 477 14.19 13.88 -1.95
CA ARG A 477 14.18 12.51 -2.39
C ARG A 477 12.76 12.00 -2.54
N PRO A 478 12.22 12.01 -3.79
CA PRO A 478 10.80 11.68 -4.01
C PRO A 478 10.59 10.18 -4.15
N ILE A 479 10.69 9.48 -3.03
CA ILE A 479 10.66 8.00 -3.01
C ILE A 479 9.58 7.40 -2.07
N SER A 480 8.71 8.26 -1.52
CA SER A 480 7.57 7.88 -0.66
C SER A 480 6.27 8.53 -1.14
C1 ALX B . 0.37 -2.25 -0.50
O1 ALX B . 0.62 -1.05 -1.10
O2 ALX B . 1.27 -3.17 -2.44
C2 ALX B . 0.27 -3.39 -1.48
C3 ALX B . -1.07 -3.25 -2.19
C5 ALX B . -1.99 -2.01 -0.24
C6 ALX B . -3.03 -1.83 0.83
OAN ALX B . 2.49 -5.32 -2.00
PAM ALX B . 2.11 -4.39 -3.11
OAO ALX B . 3.25 -3.63 -3.76
OAP ALX B . 1.19 -5.01 -4.08
O3 ALX B . -1.30 -4.38 -3.07
C4 ALX B . -2.25 -3.17 -1.21
O4 ALX B . -3.42 -2.85 -2.02
O6 ALX B . -3.17 -3.06 1.61
O5 ALX B . -0.74 -2.27 0.43
OAN BNX C . 2.49 -5.32 -2.00
PAM BNX C . 2.11 -4.39 -3.11
OAO BNX C . 3.25 -3.63 -3.76
OAP BNX C . 1.19 -5.01 -4.08
O2 BNX C . 1.27 -3.17 -2.44
C2 BNX C . 0.27 -3.39 -1.48
C3 BNX C . -1.07 -3.25 -2.19
O3 BNX C . -1.30 -4.38 -3.07
C4 BNX C . -2.25 -3.17 -1.21
O4 BNX C . -3.42 -2.85 -2.02
C5 BNX C . -1.99 -2.01 -0.24
C6 BNX C . -3.03 -1.83 0.83
O6 BNX C . -3.17 -3.06 1.61
O5 BNX C . -0.74 -2.27 0.43
C1 BNX C . 0.37 -2.25 -0.50
O1 BNX C . 1.49 -2.29 0.30
#